data_1VZJ
#
_entry.id   1VZJ
#
_cell.length_a   53.730
_cell.length_b   58.790
_cell.length_c   58.800
_cell.angle_alpha   90.00
_cell.angle_beta   111.38
_cell.angle_gamma   90.00
#
_symmetry.space_group_name_H-M   'P 1 21 1'
#
loop_
_entity.id
_entity.type
_entity.pdbx_description
1 polymer ACETYLCHOLINESTERASE
2 polymer 'ACETYLCHOLINESTERASE COLLAGENIC TAIL PEPTIDE'
3 water water
#
loop_
_entity_poly.entity_id
_entity_poly.type
_entity_poly.pdbx_seq_one_letter_code
_entity_poly.pdbx_strand_id
1 'polypeptide(L)' DTLDEAERQWKAEFHRWSSY(MSE)VHWKNQFDHYSKQDRCSDL A,B,C,D,E,F,G,H
2 'polypeptide(L)' LLTPPPPPLFPPPFF I,J
#
# COMPACT_ATOMS: atom_id res chain seq x y z
N LEU A 3 1.04 18.73 -9.27
CA LEU A 3 0.07 17.73 -8.73
C LEU A 3 0.04 17.76 -7.21
N ASP A 4 1.22 17.76 -6.62
CA ASP A 4 1.34 17.76 -5.17
C ASP A 4 0.49 18.82 -4.50
N GLU A 5 0.67 20.08 -4.90
CA GLU A 5 -0.10 21.16 -4.32
C GLU A 5 -1.59 20.85 -4.33
N ALA A 6 -2.10 20.42 -5.49
CA ALA A 6 -3.50 20.08 -5.61
C ALA A 6 -3.83 18.87 -4.72
N GLU A 7 -2.87 17.95 -4.58
CA GLU A 7 -3.04 16.75 -3.76
C GLU A 7 -2.63 17.03 -2.31
N ARG A 8 -2.39 18.30 -2.03
CA ARG A 8 -2.01 18.75 -0.69
C ARG A 8 -3.24 19.46 -0.16
N GLN A 9 -3.90 20.19 -1.04
CA GLN A 9 -5.12 20.91 -0.71
C GLN A 9 -6.14 19.83 -0.43
N TRP A 10 -6.07 18.76 -1.23
CA TRP A 10 -6.99 17.66 -1.07
C TRP A 10 -6.88 17.03 0.30
N LYS A 11 -5.67 16.61 0.67
CA LYS A 11 -5.45 15.99 1.97
C LYS A 11 -6.10 16.86 3.04
N ALA A 12 -6.12 18.18 2.80
CA ALA A 12 -6.71 19.13 3.72
C ALA A 12 -8.25 19.22 3.65
N GLU A 13 -8.80 18.95 2.47
CA GLU A 13 -10.25 18.97 2.28
C GLU A 13 -10.87 17.71 2.86
N PHE A 14 -10.12 16.61 2.79
CA PHE A 14 -10.57 15.34 3.34
C PHE A 14 -10.69 15.55 4.84
N HIS A 15 -9.69 16.20 5.41
CA HIS A 15 -9.70 16.46 6.84
C HIS A 15 -10.98 17.21 7.17
N ARG A 16 -11.20 18.33 6.49
CA ARG A 16 -12.39 19.16 6.70
C ARG A 16 -13.64 18.29 6.61
N TRP A 17 -13.72 17.47 5.58
CA TRP A 17 -14.86 16.57 5.40
C TRP A 17 -15.00 15.70 6.65
N SER A 18 -13.90 15.05 7.02
CA SER A 18 -13.90 14.19 8.20
C SER A 18 -14.53 14.86 9.40
N SER A 19 -14.21 16.13 9.63
CA SER A 19 -14.74 16.85 10.77
C SER A 19 -16.23 17.14 10.62
N TYR A 20 -16.69 17.25 9.37
CA TYR A 20 -18.10 17.50 9.14
C TYR A 20 -18.88 16.26 9.53
N MSE A 21 -18.27 15.10 9.35
CA MSE A 21 -18.92 13.84 9.70
C MSE A 21 -18.91 13.66 11.20
O MSE A 21 -19.88 13.21 11.79
CB MSE A 21 -18.21 12.69 9.02
CG MSE A 21 -18.27 12.76 7.53
SE MSE A 21 -19.75 11.82 6.81
CE MSE A 21 -21.17 12.60 7.76
N VAL A 22 -17.78 14.00 11.82
CA VAL A 22 -17.64 13.89 13.26
C VAL A 22 -18.74 14.71 13.90
N HIS A 23 -18.91 15.93 13.41
CA HIS A 23 -19.92 16.82 13.92
C HIS A 23 -21.33 16.39 13.53
N TRP A 24 -21.43 15.49 12.56
CA TRP A 24 -22.74 15.01 12.14
C TRP A 24 -23.21 13.90 13.04
N LYS A 25 -22.47 12.80 13.08
CA LYS A 25 -22.84 11.66 13.90
C LYS A 25 -23.09 12.06 15.35
N ASN A 26 -22.48 13.18 15.74
CA ASN A 26 -22.62 13.71 17.10
C ASN A 26 -24.05 14.15 17.38
N GLN A 27 -24.49 15.21 16.72
CA GLN A 27 -25.83 15.72 16.94
C GLN A 27 -26.87 14.65 16.61
N PHE A 28 -26.40 13.52 16.09
CA PHE A 28 -27.28 12.41 15.74
C PHE A 28 -26.96 11.15 16.53
N ASP B 1 -2.96 14.09 -23.20
CA ASP B 1 -2.31 12.89 -22.67
C ASP B 1 -3.25 12.33 -21.60
N THR B 2 -3.62 11.07 -21.74
CA THR B 2 -4.55 10.46 -20.79
C THR B 2 -4.28 10.89 -19.35
N LEU B 3 -3.01 10.82 -18.94
CA LEU B 3 -2.60 11.21 -17.60
C LEU B 3 -2.99 12.65 -17.32
N ASP B 4 -2.85 13.53 -18.29
CA ASP B 4 -3.20 14.93 -18.12
C ASP B 4 -4.71 15.13 -18.04
N GLU B 5 -5.43 14.27 -18.76
CA GLU B 5 -6.88 14.34 -18.78
C GLU B 5 -7.44 14.00 -17.40
N ALA B 6 -6.99 12.88 -16.86
CA ALA B 6 -7.43 12.43 -15.54
C ALA B 6 -7.25 13.55 -14.52
N GLU B 7 -6.08 14.16 -14.51
N GLU B 7 -6.07 14.17 -14.52
CA GLU B 7 -5.81 15.23 -13.57
CA GLU B 7 -5.77 15.25 -13.59
C GLU B 7 -6.78 16.37 -13.80
C GLU B 7 -6.71 16.42 -13.80
N ARG B 8 -7.01 16.70 -15.06
CA ARG B 8 -7.92 17.79 -15.42
C ARG B 8 -9.33 17.50 -14.93
N GLN B 9 -9.85 16.32 -15.29
CA GLN B 9 -11.18 15.91 -14.86
C GLN B 9 -11.29 15.91 -13.34
N TRP B 10 -10.27 15.37 -12.69
CA TRP B 10 -10.26 15.33 -11.25
C TRP B 10 -10.42 16.73 -10.69
N LYS B 11 -9.60 17.67 -11.17
CA LYS B 11 -9.67 19.05 -10.68
C LYS B 11 -11.02 19.71 -10.96
N ALA B 12 -11.60 19.38 -12.11
CA ALA B 12 -12.89 19.91 -12.50
C ALA B 12 -14.03 19.58 -11.54
N GLU B 13 -13.95 18.44 -10.85
CA GLU B 13 -15.02 18.03 -9.95
C GLU B 13 -15.01 18.73 -8.60
N PHE B 14 -13.94 19.43 -8.29
CA PHE B 14 -13.87 20.09 -7.01
C PHE B 14 -14.85 21.20 -6.73
N HIS B 15 -15.13 22.06 -7.69
CA HIS B 15 -16.03 23.17 -7.41
C HIS B 15 -17.35 22.73 -6.84
N ARG B 16 -18.02 21.82 -7.54
CA ARG B 16 -19.35 21.32 -7.14
C ARG B 16 -19.27 20.76 -5.74
N TRP B 17 -18.31 19.88 -5.53
CA TRP B 17 -18.14 19.27 -4.22
C TRP B 17 -18.05 20.29 -3.10
N SER B 18 -17.11 21.22 -3.22
CA SER B 18 -16.90 22.24 -2.22
C SER B 18 -18.17 23.00 -1.99
N SER B 19 -18.94 23.15 -3.06
CA SER B 19 -20.20 23.88 -2.99
C SER B 19 -21.24 23.10 -2.19
N TYR B 20 -21.29 21.79 -2.37
CA TYR B 20 -22.25 20.99 -1.60
C TYR B 20 -21.72 21.01 -0.20
N MSE B 21 -20.39 20.98 -0.07
CA MSE B 21 -19.79 20.97 1.25
C MSE B 21 -20.24 22.23 1.99
O MSE B 21 -20.75 22.14 3.12
CB MSE B 21 -18.27 20.89 1.14
CG MSE B 21 -17.58 20.27 2.35
SE MSE B 21 -17.96 18.41 2.71
CE MSE B 21 -19.59 18.68 3.67
N VAL B 22 -20.07 23.39 1.37
CA VAL B 22 -20.47 24.64 2.02
C VAL B 22 -21.98 24.74 2.25
N HIS B 23 -22.79 24.37 1.27
CA HIS B 23 -24.24 24.44 1.46
C HIS B 23 -24.70 23.57 2.62
N TRP B 24 -24.17 22.36 2.71
CA TRP B 24 -24.55 21.48 3.81
C TRP B 24 -24.11 22.08 5.16
N LYS B 25 -22.93 22.68 5.18
CA LYS B 25 -22.43 23.30 6.39
C LYS B 25 -23.43 24.32 6.92
N ASN B 26 -23.81 25.26 6.08
CA ASN B 26 -24.77 26.30 6.46
C ASN B 26 -26.02 25.70 7.06
N GLN B 27 -26.72 24.92 6.24
CA GLN B 27 -27.95 24.27 6.66
C GLN B 27 -27.72 23.59 8.00
N PHE B 28 -26.54 23.05 8.19
CA PHE B 28 -26.18 22.37 9.42
C PHE B 28 -26.20 23.32 10.60
N ASP B 29 -25.55 24.48 10.45
CA ASP B 29 -25.50 25.47 11.52
C ASP B 29 -26.88 25.89 12.00
N HIS B 30 -27.72 26.33 11.07
CA HIS B 30 -29.07 26.76 11.40
C HIS B 30 -29.70 25.71 12.31
N TYR B 31 -29.81 24.48 11.81
CA TYR B 31 -30.37 23.39 12.58
C TYR B 31 -29.37 22.89 13.61
N ASP C 1 -0.45 -2.02 -18.66
CA ASP C 1 0.44 -1.22 -17.83
C ASP C 1 -0.14 -1.13 -16.43
N THR C 2 0.72 -1.20 -15.41
CA THR C 2 0.27 -1.14 -14.02
C THR C 2 -0.42 0.17 -13.66
N LEU C 3 -0.11 1.22 -14.43
CA LEU C 3 -0.71 2.52 -14.17
C LEU C 3 -2.09 2.52 -14.84
N ASP C 4 -2.16 1.96 -16.04
CA ASP C 4 -3.42 1.89 -16.76
C ASP C 4 -4.42 1.23 -15.84
N GLU C 5 -4.07 0.03 -15.40
N GLU C 5 -4.07 0.03 -15.40
CA GLU C 5 -4.94 -0.73 -14.51
CA GLU C 5 -4.92 -0.74 -14.50
C GLU C 5 -5.40 0.08 -13.30
C GLU C 5 -5.40 0.07 -13.30
N ALA C 6 -4.50 0.85 -12.71
CA ALA C 6 -4.85 1.65 -11.56
C ALA C 6 -5.76 2.77 -12.02
N GLU C 7 -5.51 3.23 -13.24
CA GLU C 7 -6.29 4.30 -13.83
C GLU C 7 -7.71 3.77 -14.00
N ARG C 8 -7.83 2.47 -14.24
CA ARG C 8 -9.13 1.83 -14.41
C ARG C 8 -9.88 1.75 -13.09
N GLN C 9 -9.19 1.27 -12.05
CA GLN C 9 -9.80 1.18 -10.73
C GLN C 9 -10.28 2.56 -10.31
N TRP C 10 -9.49 3.59 -10.60
CA TRP C 10 -9.85 4.98 -10.24
C TRP C 10 -11.11 5.41 -10.96
N LYS C 11 -11.17 5.13 -12.25
CA LYS C 11 -12.32 5.49 -13.06
C LYS C 11 -13.56 4.86 -12.46
N ALA C 12 -13.46 3.58 -12.10
CA ALA C 12 -14.57 2.84 -11.49
C ALA C 12 -15.07 3.54 -10.25
N GLU C 13 -14.14 3.88 -9.35
CA GLU C 13 -14.48 4.57 -8.11
C GLU C 13 -14.94 5.98 -8.40
N PHE C 14 -14.50 6.53 -9.52
CA PHE C 14 -14.90 7.88 -9.90
C PHE C 14 -16.39 7.85 -10.27
N HIS C 15 -16.79 6.85 -11.04
CA HIS C 15 -18.17 6.69 -11.44
C HIS C 15 -19.09 6.48 -10.24
N ARG C 16 -18.66 5.65 -9.31
CA ARG C 16 -19.46 5.40 -8.13
C ARG C 16 -19.59 6.64 -7.27
N TRP C 17 -18.57 7.49 -7.31
CA TRP C 17 -18.56 8.74 -6.56
C TRP C 17 -19.58 9.73 -7.15
N SER C 18 -19.67 9.81 -8.48
CA SER C 18 -20.62 10.71 -9.12
C SER C 18 -22.04 10.33 -8.72
N SER C 19 -22.29 9.02 -8.67
CA SER C 19 -23.58 8.48 -8.28
C SER C 19 -23.90 8.90 -6.86
N TYR C 20 -22.93 8.76 -5.96
CA TYR C 20 -23.14 9.15 -4.57
C TYR C 20 -23.49 10.63 -4.52
N MSE C 21 -22.90 11.41 -5.41
CA MSE C 21 -23.18 12.83 -5.47
C MSE C 21 -24.59 13.11 -6.02
O MSE C 21 -25.30 13.99 -5.51
CB MSE C 21 -22.11 13.52 -6.31
CG MSE C 21 -20.77 13.52 -5.60
SE MSE C 21 -20.55 15.09 -4.60
CE MSE C 21 -21.24 14.78 -2.97
N VAL C 22 -25.00 12.40 -7.06
CA VAL C 22 -26.34 12.62 -7.61
C VAL C 22 -27.42 12.32 -6.56
N HIS C 23 -27.38 11.13 -5.97
CA HIS C 23 -28.33 10.70 -4.92
C HIS C 23 -28.26 11.63 -3.75
N TRP C 24 -27.05 12.03 -3.38
CA TRP C 24 -26.89 12.91 -2.23
C TRP C 24 -27.45 14.28 -2.47
N LYS C 25 -27.18 14.91 -3.61
CA LYS C 25 -27.75 16.23 -3.77
C LYS C 25 -29.27 16.18 -3.79
N ASN C 26 -29.83 15.18 -4.44
CA ASN C 26 -31.28 15.04 -4.54
C ASN C 26 -31.88 14.97 -3.16
N GLN C 27 -31.49 13.95 -2.41
CA GLN C 27 -31.99 13.76 -1.06
C GLN C 27 -31.87 15.08 -0.32
N PHE C 28 -30.78 15.80 -0.54
CA PHE C 28 -30.54 17.07 0.12
C PHE C 28 -31.52 18.18 -0.25
N ASP C 29 -31.74 18.38 -1.54
CA ASP C 29 -32.67 19.42 -2.00
C ASP C 29 -34.08 19.15 -1.52
N HIS C 30 -34.38 17.89 -1.29
CA HIS C 30 -35.73 17.53 -0.84
C HIS C 30 -35.91 17.86 0.63
N TYR C 31 -34.84 17.73 1.42
CA TYR C 31 -34.96 18.05 2.83
C TYR C 31 -35.17 19.55 3.12
N SER C 32 -34.88 20.42 2.16
CA SER C 32 -35.03 21.86 2.37
C SER C 32 -36.28 22.39 1.68
N ASP D 1 12.63 3.13 -5.46
CA ASP D 1 12.59 4.33 -6.30
C ASP D 1 11.55 5.26 -5.68
N THR D 2 11.48 6.52 -6.14
CA THR D 2 10.46 7.41 -5.58
C THR D 2 9.11 7.04 -6.20
N LEU D 3 9.14 6.43 -7.38
CA LEU D 3 7.92 6.03 -8.05
C LEU D 3 7.28 4.80 -7.43
N ASP D 4 8.07 3.79 -7.09
CA ASP D 4 7.54 2.59 -6.41
C ASP D 4 6.93 3.12 -5.13
N GLU D 5 7.61 4.07 -4.51
CA GLU D 5 7.12 4.67 -3.27
C GLU D 5 5.83 5.42 -3.48
N ALA D 6 5.71 6.06 -4.64
CA ALA D 6 4.53 6.83 -4.99
C ALA D 6 3.41 5.87 -5.26
N GLU D 7 3.73 4.77 -5.93
CA GLU D 7 2.74 3.77 -6.22
C GLU D 7 2.16 3.19 -4.94
N ARG D 8 3.05 2.88 -4.00
CA ARG D 8 2.69 2.32 -2.72
C ARG D 8 1.76 3.24 -1.95
N GLN D 9 2.18 4.48 -1.79
CA GLN D 9 1.40 5.46 -1.03
C GLN D 9 0.06 5.79 -1.66
N TRP D 10 -0.04 5.69 -2.98
CA TRP D 10 -1.29 5.98 -3.68
C TRP D 10 -2.28 4.84 -3.47
N LYS D 11 -1.83 3.62 -3.72
CA LYS D 11 -2.66 2.44 -3.53
C LYS D 11 -3.21 2.39 -2.10
N ALA D 12 -2.33 2.67 -1.15
CA ALA D 12 -2.72 2.67 0.25
C ALA D 12 -3.76 3.74 0.55
N GLU D 13 -3.52 4.97 0.10
CA GLU D 13 -4.48 6.04 0.36
C GLU D 13 -5.80 5.85 -0.38
N PHE D 14 -5.73 5.28 -1.58
CA PHE D 14 -6.91 5.02 -2.40
C PHE D 14 -7.83 4.12 -1.61
N HIS D 15 -7.35 2.90 -1.39
CA HIS D 15 -8.07 1.88 -0.64
C HIS D 15 -8.60 2.40 0.70
N ARG D 16 -7.84 3.26 1.35
CA ARG D 16 -8.28 3.80 2.62
C ARG D 16 -9.43 4.75 2.37
N TRP D 17 -9.37 5.43 1.23
CA TRP D 17 -10.42 6.36 0.82
C TRP D 17 -11.65 5.55 0.45
N SER D 18 -11.44 4.53 -0.37
CA SER D 18 -12.54 3.66 -0.78
C SER D 18 -13.27 3.11 0.43
N SER D 19 -12.60 3.09 1.58
CA SER D 19 -13.23 2.54 2.76
C SER D 19 -14.05 3.56 3.50
N TYR D 20 -13.76 4.84 3.28
CA TYR D 20 -14.53 5.89 3.90
C TYR D 20 -15.74 6.06 3.00
N MSE D 21 -15.58 5.64 1.75
CA MSE D 21 -16.66 5.72 0.79
C MSE D 21 -17.73 4.75 1.26
O MSE D 21 -18.88 5.13 1.45
CB MSE D 21 -16.16 5.36 -0.61
CG MSE D 21 -17.06 5.82 -1.77
SE MSE D 21 -16.83 7.68 -2.35
CE MSE D 21 -17.37 8.51 -0.79
N VAL D 22 -17.34 3.49 1.45
CA VAL D 22 -18.27 2.47 1.91
C VAL D 22 -18.89 2.85 3.24
N HIS D 23 -18.09 3.39 4.13
CA HIS D 23 -18.61 3.76 5.41
C HIS D 23 -19.60 4.91 5.30
N TRP D 24 -19.34 5.83 4.36
CA TRP D 24 -20.22 6.97 4.17
C TRP D 24 -21.50 6.50 3.48
N LYS D 25 -21.36 5.61 2.51
CA LYS D 25 -22.53 5.12 1.79
C LYS D 25 -23.50 4.51 2.78
N ASN D 26 -22.92 3.77 3.72
CA ASN D 26 -23.65 3.08 4.78
C ASN D 26 -24.44 4.03 5.66
N GLN D 27 -23.77 5.07 6.13
CA GLN D 27 -24.41 6.03 6.98
C GLN D 27 -25.49 6.76 6.20
N PHE D 28 -25.24 6.98 4.92
CA PHE D 28 -26.17 7.67 4.03
C PHE D 28 -27.46 6.89 3.79
N ASP D 29 -27.33 5.61 3.46
CA ASP D 29 -28.51 4.78 3.21
C ASP D 29 -29.37 4.61 4.47
N HIS D 30 -28.74 4.57 5.63
CA HIS D 30 -29.43 4.42 6.90
C HIS D 30 -30.21 5.65 7.29
N TYR D 31 -29.63 6.80 7.02
CA TYR D 31 -30.31 8.05 7.30
C TYR D 31 -31.70 8.08 6.65
N SER D 32 -31.74 7.88 5.34
CA SER D 32 -32.96 7.86 4.55
C SER D 32 -34.05 7.03 5.22
N THR E 2 28.55 -16.84 14.96
CA THR E 2 27.46 -17.15 14.05
C THR E 2 26.54 -15.93 13.90
N LEU E 3 27.10 -14.77 14.19
CA LEU E 3 26.38 -13.50 14.07
C LEU E 3 26.69 -12.92 12.70
N ASP E 4 27.98 -12.79 12.40
CA ASP E 4 28.44 -12.22 11.13
C ASP E 4 28.68 -13.20 10.00
N GLU E 5 28.72 -14.48 10.31
CA GLU E 5 28.94 -15.48 9.28
C GLU E 5 27.57 -15.89 8.77
N ALA E 6 26.58 -15.74 9.66
CA ALA E 6 25.20 -16.06 9.33
C ALA E 6 24.61 -14.89 8.53
N GLU E 7 25.38 -13.80 8.42
CA GLU E 7 24.94 -12.63 7.68
C GLU E 7 25.48 -12.66 6.26
N ARG E 8 26.55 -13.40 6.05
CA ARG E 8 27.13 -13.52 4.72
C ARG E 8 26.23 -14.45 3.94
N GLN E 9 25.64 -15.42 4.64
CA GLN E 9 24.73 -16.37 4.01
C GLN E 9 23.56 -15.57 3.47
N TRP E 10 23.15 -14.54 4.23
CA TRP E 10 22.03 -13.71 3.82
C TRP E 10 22.40 -12.85 2.62
N LYS E 11 23.48 -12.08 2.75
CA LYS E 11 23.93 -11.21 1.66
C LYS E 11 24.02 -12.00 0.36
N ALA E 12 24.48 -13.25 0.44
CA ALA E 12 24.60 -14.08 -0.74
C ALA E 12 23.23 -14.58 -1.17
N GLU E 13 22.33 -14.78 -0.21
CA GLU E 13 20.99 -15.22 -0.53
C GLU E 13 20.14 -14.05 -1.04
N PHE E 14 20.64 -12.83 -0.86
CA PHE E 14 19.91 -11.67 -1.34
C PHE E 14 20.04 -11.51 -2.85
N HIS E 15 21.26 -11.50 -3.37
CA HIS E 15 21.36 -11.32 -4.81
C HIS E 15 20.89 -12.52 -5.59
N ARG E 16 20.82 -13.68 -4.93
CA ARG E 16 20.30 -14.85 -5.62
C ARG E 16 18.84 -14.51 -5.89
N TRP E 17 18.19 -13.93 -4.89
CA TRP E 17 16.79 -13.51 -5.00
C TRP E 17 16.71 -12.46 -6.09
N SER E 18 17.57 -11.46 -5.97
CA SER E 18 17.61 -10.36 -6.93
C SER E 18 17.84 -10.94 -8.32
N SER E 19 18.55 -12.06 -8.38
CA SER E 19 18.82 -12.72 -9.64
C SER E 19 17.58 -13.45 -10.13
N TYR E 20 16.81 -13.99 -9.20
CA TYR E 20 15.60 -14.69 -9.58
C TYR E 20 14.61 -13.68 -10.13
N MSE E 21 14.68 -12.47 -9.62
CA MSE E 21 13.76 -11.42 -10.06
C MSE E 21 14.15 -10.89 -11.41
O MSE E 21 13.32 -10.38 -12.15
CB MSE E 21 13.74 -10.31 -9.03
CG MSE E 21 13.16 -10.78 -7.72
SE MSE E 21 11.42 -10.12 -7.46
CE MSE E 21 10.53 -10.82 -8.99
N VAL E 22 15.43 -11.02 -11.72
CA VAL E 22 15.96 -10.59 -13.00
C VAL E 22 15.29 -11.40 -14.12
N HIS E 23 15.47 -12.71 -14.09
CA HIS E 23 14.90 -13.60 -15.10
C HIS E 23 13.39 -13.50 -15.17
N TRP E 24 12.75 -13.32 -14.01
CA TRP E 24 11.31 -13.21 -13.96
C TRP E 24 10.85 -12.04 -14.84
N LYS E 25 11.44 -10.87 -14.61
CA LYS E 25 11.09 -9.68 -15.38
C LYS E 25 11.38 -9.87 -16.86
N ASN E 26 12.23 -10.85 -17.18
CA ASN E 26 12.58 -11.11 -18.56
C ASN E 26 11.60 -12.05 -19.27
N GLN E 27 10.72 -12.70 -18.52
CA GLN E 27 9.76 -13.58 -19.17
C GLN E 27 8.85 -12.64 -19.95
N PHE E 28 8.52 -11.51 -19.33
CA PHE E 28 7.66 -10.53 -19.98
C PHE E 28 8.38 -9.91 -21.19
N ASP F 1 18.15 -13.98 25.72
CA ASP F 1 18.00 -12.53 25.84
C ASP F 1 17.39 -11.95 24.58
N THR F 2 16.61 -10.88 24.75
CA THR F 2 15.94 -10.18 23.66
C THR F 2 16.69 -10.21 22.32
N LEU F 3 17.97 -9.89 22.34
CA LEU F 3 18.79 -9.89 21.14
C LEU F 3 18.96 -11.31 20.64
N ASP F 4 19.25 -12.23 21.56
CA ASP F 4 19.43 -13.61 21.19
C ASP F 4 18.12 -14.16 20.63
N GLU F 5 17.00 -13.74 21.22
CA GLU F 5 15.70 -14.17 20.74
C GLU F 5 15.40 -13.68 19.32
N ALA F 6 15.78 -12.45 19.01
CA ALA F 6 15.56 -11.91 17.67
C ALA F 6 16.38 -12.70 16.65
N GLU F 7 17.60 -13.04 17.00
CA GLU F 7 18.43 -13.79 16.07
C GLU F 7 17.87 -15.18 15.84
N ARG F 8 17.28 -15.77 16.89
N ARG F 8 17.29 -15.77 16.89
CA ARG F 8 16.69 -17.10 16.80
CA ARG F 8 16.69 -17.09 16.82
C ARG F 8 15.45 -17.06 15.94
C ARG F 8 15.45 -17.07 15.95
N GLN F 9 14.59 -16.07 16.17
CA GLN F 9 13.38 -15.94 15.39
C GLN F 9 13.81 -15.73 13.95
N TRP F 10 14.81 -14.88 13.77
CA TRP F 10 15.31 -14.60 12.44
C TRP F 10 15.69 -15.85 11.69
N LYS F 11 16.63 -16.62 12.25
CA LYS F 11 17.12 -17.83 11.60
C LYS F 11 16.03 -18.89 11.36
N ALA F 12 15.10 -19.00 12.31
CA ALA F 12 14.04 -19.99 12.20
C ALA F 12 13.15 -19.78 10.98
N GLU F 13 13.17 -18.57 10.43
CA GLU F 13 12.34 -18.22 9.26
C GLU F 13 12.94 -18.56 7.91
N PHE F 14 14.24 -18.87 7.91
N PHE F 14 14.23 -18.89 7.88
CA PHE F 14 14.96 -19.18 6.68
CA PHE F 14 14.86 -19.17 6.59
C PHE F 14 14.62 -20.48 5.96
C PHE F 14 14.60 -20.50 5.93
N HIS F 15 14.36 -21.55 6.70
CA HIS F 15 14.07 -22.84 6.07
C HIS F 15 12.87 -22.71 5.15
N ARG F 16 11.86 -22.02 5.63
CA ARG F 16 10.63 -21.83 4.88
C ARG F 16 10.89 -21.04 3.60
N TRP F 17 11.55 -19.88 3.76
CA TRP F 17 11.87 -18.99 2.65
C TRP F 17 12.66 -19.73 1.57
N SER F 18 13.77 -20.34 1.96
CA SER F 18 14.58 -21.07 1.00
C SER F 18 13.76 -22.09 0.25
N SER F 19 12.81 -22.71 0.96
CA SER F 19 11.95 -23.72 0.37
C SER F 19 11.10 -23.10 -0.72
N TYR F 20 10.44 -21.98 -0.40
CA TYR F 20 9.62 -21.32 -1.41
C TYR F 20 10.53 -20.92 -2.55
N MSE F 21 11.74 -20.45 -2.21
CA MSE F 21 12.70 -20.01 -3.20
C MSE F 21 13.10 -21.12 -4.16
O MSE F 21 13.42 -20.88 -5.32
CB MSE F 21 13.94 -19.45 -2.53
CG MSE F 21 14.75 -18.56 -3.43
SE MSE F 21 14.05 -16.75 -3.63
CE MSE F 21 12.74 -17.11 -4.96
N VAL F 22 13.09 -22.36 -3.69
CA VAL F 22 13.44 -23.46 -4.57
C VAL F 22 12.19 -23.93 -5.31
N HIS F 23 11.11 -24.17 -4.58
CA HIS F 23 9.86 -24.59 -5.20
C HIS F 23 9.55 -23.70 -6.40
N TRP F 24 9.74 -22.40 -6.20
CA TRP F 24 9.50 -21.44 -7.25
C TRP F 24 10.40 -21.72 -8.44
N LYS F 25 11.70 -21.51 -8.27
CA LYS F 25 12.66 -21.73 -9.34
C LYS F 25 12.30 -22.93 -10.21
N ASN F 26 12.05 -24.08 -9.59
CA ASN F 26 11.70 -25.27 -10.37
C ASN F 26 10.51 -25.00 -11.26
N GLN F 27 9.53 -24.27 -10.74
CA GLN F 27 8.35 -23.98 -11.53
C GLN F 27 8.66 -22.92 -12.58
N PHE F 28 9.77 -22.21 -12.38
CA PHE F 28 10.16 -21.19 -13.36
C PHE F 28 10.68 -21.93 -14.57
N ASP F 29 11.56 -22.90 -14.30
CA ASP F 29 12.16 -23.68 -15.35
C ASP F 29 11.18 -24.58 -16.09
N HIS F 30 10.31 -25.26 -15.37
CA HIS F 30 9.41 -26.17 -16.05
C HIS F 30 8.37 -25.54 -16.97
N TYR F 31 7.99 -24.29 -16.73
CA TYR F 31 7.05 -23.65 -17.64
C TYR F 31 7.88 -23.00 -18.74
N SER F 32 8.99 -22.36 -18.34
CA SER F 32 9.87 -21.65 -19.26
C SER F 32 10.12 -22.40 -20.57
N LYS F 33 10.55 -23.66 -20.48
CA LYS F 33 10.81 -24.47 -21.67
C LYS F 33 9.56 -24.45 -22.54
N GLN F 34 8.41 -24.66 -21.89
CA GLN F 34 7.12 -24.67 -22.55
C GLN F 34 6.74 -23.26 -23.01
N ASP G 1 16.46 3.16 24.20
CA ASP G 1 17.70 2.71 23.59
C ASP G 1 17.58 2.78 22.06
N THR G 2 18.63 3.27 21.42
CA THR G 2 18.64 3.40 19.97
C THR G 2 18.43 2.04 19.32
N LEU G 3 18.96 1.02 19.97
CA LEU G 3 18.86 -0.35 19.51
C LEU G 3 17.39 -0.76 19.55
N ASP G 4 16.71 -0.38 20.64
CA ASP G 4 15.29 -0.70 20.79
C ASP G 4 14.49 -0.16 19.62
N GLU G 5 14.76 1.09 19.27
CA GLU G 5 14.07 1.74 18.17
C GLU G 5 14.27 0.94 16.90
N ALA G 6 15.51 0.48 16.71
CA ALA G 6 15.82 -0.30 15.54
C ALA G 6 15.16 -1.66 15.65
N GLU G 7 14.94 -2.13 16.87
CA GLU G 7 14.30 -3.42 17.10
C GLU G 7 12.82 -3.32 16.77
N ARG G 8 12.19 -2.19 17.11
CA ARG G 8 10.78 -2.03 16.82
C ARG G 8 10.57 -1.92 15.31
N GLN G 9 11.48 -1.21 14.65
CA GLN G 9 11.37 -1.05 13.21
C GLN G 9 11.62 -2.36 12.52
N TRP G 10 12.51 -3.18 13.08
CA TRP G 10 12.81 -4.47 12.47
C TRP G 10 11.63 -5.41 12.63
N LYS G 11 11.00 -5.36 13.81
CA LYS G 11 9.86 -6.21 14.10
C LYS G 11 8.70 -5.86 13.19
N ALA G 12 8.41 -4.57 13.08
CA ALA G 12 7.32 -4.10 12.23
C ALA G 12 7.49 -4.60 10.83
N GLU G 13 8.70 -4.45 10.31
CA GLU G 13 9.01 -4.87 8.94
C GLU G 13 9.04 -6.41 8.86
N PHE G 14 9.20 -7.04 10.02
CA PHE G 14 9.20 -8.50 10.08
C PHE G 14 7.72 -8.96 9.97
N HIS G 15 6.83 -8.26 10.67
CA HIS G 15 5.41 -8.60 10.63
C HIS G 15 4.92 -8.44 9.20
N ARG G 16 5.36 -7.37 8.54
CA ARG G 16 4.98 -7.10 7.16
C ARG G 16 5.53 -8.18 6.22
N TRP G 17 6.73 -8.65 6.49
CA TRP G 17 7.33 -9.71 5.66
C TRP G 17 6.56 -11.04 5.83
N SER G 18 6.20 -11.39 7.05
CA SER G 18 5.47 -12.62 7.25
C SER G 18 4.17 -12.55 6.46
N SER G 19 3.59 -11.36 6.35
CA SER G 19 2.36 -11.19 5.62
C SER G 19 2.58 -11.40 4.13
N TYR G 20 3.67 -10.85 3.58
CA TYR G 20 3.94 -11.04 2.16
C TYR G 20 4.19 -12.51 1.95
N MSE G 21 4.86 -13.11 2.92
CA MSE G 21 5.15 -14.53 2.85
C MSE G 21 3.85 -15.34 2.79
O MSE G 21 3.72 -16.23 1.97
CB MSE G 21 5.99 -14.93 4.06
CG MSE G 21 6.94 -16.08 3.81
SE MSE G 21 8.29 -15.69 2.48
CE MSE G 21 7.33 -16.15 0.88
N VAL G 22 2.86 -15.00 3.63
CA VAL G 22 1.57 -15.71 3.62
C VAL G 22 0.84 -15.57 2.30
N HIS G 23 0.53 -14.34 1.91
CA HIS G 23 -0.15 -14.04 0.65
C HIS G 23 0.52 -14.71 -0.55
N TRP G 24 1.84 -14.63 -0.61
CA TRP G 24 2.53 -15.22 -1.74
C TRP G 24 2.45 -16.73 -1.79
N LYS G 25 2.46 -17.43 -0.66
CA LYS G 25 2.36 -18.87 -0.80
C LYS G 25 0.97 -19.29 -1.26
N ASN G 26 -0.04 -18.63 -0.72
CA ASN G 26 -1.37 -18.97 -1.13
C ASN G 26 -1.43 -18.84 -2.64
N GLN G 27 -1.11 -17.64 -3.13
CA GLN G 27 -1.13 -17.34 -4.56
C GLN G 27 -0.29 -18.34 -5.34
N PHE G 28 0.84 -18.73 -4.79
CA PHE G 28 1.66 -19.70 -5.48
C PHE G 28 0.89 -21.00 -5.63
N ASP G 29 0.35 -21.50 -4.51
CA ASP G 29 -0.40 -22.75 -4.50
C ASP G 29 -1.55 -22.80 -5.51
N HIS G 30 -2.39 -21.77 -5.53
CA HIS G 30 -3.52 -21.72 -6.45
C HIS G 30 -3.08 -21.59 -7.91
N TYR G 31 -1.77 -21.43 -8.12
CA TYR G 31 -1.23 -21.30 -9.46
C TYR G 31 -0.61 -22.60 -9.87
N SER G 32 0.10 -23.23 -8.93
CA SER G 32 0.68 -24.53 -9.20
C SER G 32 -0.48 -25.48 -8.94
N LYS G 33 -1.68 -24.98 -9.25
CA LYS G 33 -2.93 -25.71 -9.11
C LYS G 33 -3.52 -25.75 -10.53
N GLN G 34 -2.98 -24.90 -11.39
CA GLN G 34 -3.43 -24.83 -12.78
C GLN G 34 -2.63 -25.81 -13.65
N ASP H 1 33.14 4.04 16.03
CA ASP H 1 33.99 2.86 16.16
C ASP H 1 33.35 1.65 15.48
N THR H 2 33.66 0.44 15.94
CA THR H 2 33.14 -0.80 15.33
C THR H 2 31.65 -0.92 15.36
N LEU H 3 31.06 -0.39 16.43
CA LEU H 3 29.62 -0.46 16.58
C LEU H 3 28.94 0.72 15.90
N ASP H 4 29.59 1.88 15.89
CA ASP H 4 29.03 3.05 15.21
C ASP H 4 28.95 2.64 13.75
N GLU H 5 30.00 1.96 13.31
CA GLU H 5 30.09 1.52 11.92
C GLU H 5 29.04 0.46 11.66
N ALA H 6 28.82 -0.38 12.66
CA ALA H 6 27.86 -1.46 12.54
C ALA H 6 26.45 -0.90 12.48
N GLU H 7 26.21 0.11 13.32
CA GLU H 7 24.90 0.73 13.36
C GLU H 7 24.63 1.47 12.07
N ARG H 8 25.63 2.18 11.56
CA ARG H 8 25.49 2.94 10.34
C ARG H 8 25.28 2.05 9.14
N GLN H 9 25.95 0.90 9.12
CA GLN H 9 25.83 0.00 8.00
C GLN H 9 24.49 -0.73 8.04
N TRP H 10 24.07 -1.14 9.23
CA TRP H 10 22.79 -1.85 9.38
C TRP H 10 21.64 -0.96 8.90
N LYS H 11 21.50 0.18 9.55
CA LYS H 11 20.46 1.15 9.22
C LYS H 11 20.40 1.39 7.74
N ALA H 12 21.52 1.75 7.15
CA ALA H 12 21.58 2.01 5.73
C ALA H 12 21.06 0.84 4.91
N GLU H 13 21.65 -0.33 5.10
N GLU H 13 21.65 -0.33 5.10
CA GLU H 13 21.22 -1.50 4.35
CA GLU H 13 21.22 -1.51 4.36
C GLU H 13 19.82 -1.99 4.75
C GLU H 13 19.82 -1.99 4.75
N PHE H 14 19.36 -1.60 5.94
CA PHE H 14 18.04 -1.99 6.38
C PHE H 14 17.04 -1.27 5.47
N HIS H 15 17.14 0.06 5.44
CA HIS H 15 16.27 0.87 4.60
C HIS H 15 16.41 0.51 3.11
N ARG H 16 17.60 0.12 2.67
CA ARG H 16 17.75 -0.25 1.28
C ARG H 16 16.95 -1.53 1.07
N TRP H 17 16.90 -2.37 2.10
CA TRP H 17 16.17 -3.62 2.00
C TRP H 17 14.66 -3.40 1.98
N SER H 18 14.21 -2.37 2.71
CA SER H 18 12.79 -2.06 2.74
C SER H 18 12.28 -1.58 1.39
N SER H 19 13.12 -0.88 0.63
CA SER H 19 12.74 -0.38 -0.69
C SER H 19 12.46 -1.53 -1.62
N TYR H 20 13.23 -2.59 -1.47
CA TYR H 20 13.07 -3.77 -2.30
C TYR H 20 11.79 -4.49 -1.91
N MSE H 21 11.35 -4.29 -0.68
CA MSE H 21 10.13 -4.89 -0.24
C MSE H 21 9.00 -4.16 -0.92
O MSE H 21 8.11 -4.77 -1.50
CB MSE H 21 9.97 -4.76 1.27
CG MSE H 21 10.77 -5.81 2.01
SE MSE H 21 9.73 -7.33 2.54
CE MSE H 21 9.93 -8.43 1.16
N VAL H 22 9.07 -2.83 -0.88
CA VAL H 22 8.07 -2.00 -1.51
C VAL H 22 8.02 -2.32 -2.99
N HIS H 23 9.18 -2.44 -3.61
CA HIS H 23 9.22 -2.74 -5.02
C HIS H 23 8.64 -4.12 -5.32
N TRP H 24 9.02 -5.11 -4.51
CA TRP H 24 8.51 -6.46 -4.69
C TRP H 24 6.97 -6.46 -4.50
N LYS H 25 6.49 -5.86 -3.42
CA LYS H 25 5.06 -5.83 -3.16
C LYS H 25 4.28 -5.22 -4.32
N ASN H 26 4.87 -4.23 -4.98
CA ASN H 26 4.20 -3.56 -6.11
C ASN H 26 4.09 -4.50 -7.29
N GLN H 27 5.15 -5.25 -7.55
CA GLN H 27 5.17 -6.15 -8.68
C GLN H 27 4.21 -7.30 -8.42
N PHE H 28 4.24 -7.81 -7.20
CA PHE H 28 3.39 -8.91 -6.75
C PHE H 28 1.91 -8.61 -6.90
N ASP H 29 1.48 -7.41 -6.53
CA ASP H 29 0.08 -7.05 -6.62
C ASP H 29 -0.43 -7.01 -8.05
N HIS H 30 0.44 -6.67 -9.00
CA HIS H 30 0.03 -6.60 -10.40
C HIS H 30 -0.54 -7.98 -10.77
N TYR H 31 -0.01 -9.01 -10.12
N TYR H 31 0.00 -9.01 -10.12
CA TYR H 31 -0.45 -10.39 -10.35
CA TYR H 31 -0.43 -10.40 -10.31
C TYR H 31 -1.50 -10.78 -9.31
C TYR H 31 -1.49 -10.76 -9.27
N SER H 32 -2.55 -9.99 -9.19
CA SER H 32 -3.62 -10.26 -8.23
C SER H 32 -4.97 -10.15 -8.92
N LEU I 1 -31.11 15.95 10.03
CA LEU I 1 -30.18 16.43 9.01
C LEU I 1 -29.42 15.24 8.43
N LEU I 2 -29.30 15.19 7.10
CA LEU I 2 -28.61 14.06 6.47
C LEU I 2 -27.09 14.22 6.51
N THR I 3 -26.40 13.10 6.28
CA THR I 3 -24.94 13.07 6.27
C THR I 3 -24.36 14.04 5.25
N PRO I 4 -23.18 14.60 5.55
CA PRO I 4 -22.55 15.53 4.60
C PRO I 4 -22.36 14.78 3.30
N PRO I 5 -22.02 15.49 2.20
CA PRO I 5 -21.82 14.84 0.89
C PRO I 5 -20.71 13.80 1.02
N PRO I 6 -20.58 12.91 0.03
CA PRO I 6 -19.49 11.93 0.16
C PRO I 6 -18.16 12.67 0.23
N PRO I 7 -17.09 11.97 0.66
CA PRO I 7 -15.76 12.59 0.77
C PRO I 7 -15.23 13.12 -0.55
N PRO I 8 -14.30 14.08 -0.48
CA PRO I 8 -13.73 14.65 -1.70
C PRO I 8 -13.24 13.53 -2.56
N LEU I 9 -13.46 13.65 -3.87
CA LEU I 9 -13.04 12.64 -4.83
C LEU I 9 -11.52 12.45 -4.83
N PHE I 10 -11.09 11.19 -4.77
CA PHE I 10 -9.68 10.87 -4.73
C PHE I 10 -8.97 11.16 -6.05
N PRO I 11 -7.72 11.67 -5.99
CA PRO I 11 -6.91 12.00 -7.18
C PRO I 11 -6.45 10.83 -8.06
N PRO I 12 -6.36 11.06 -9.37
CA PRO I 12 -5.94 10.04 -10.34
C PRO I 12 -4.56 9.44 -10.05
N PRO I 13 -4.35 8.15 -10.35
CA PRO I 13 -3.04 7.60 -10.06
C PRO I 13 -1.94 8.27 -10.91
N PHE I 14 -0.82 8.59 -10.29
CA PHE I 14 0.27 9.16 -11.04
C PHE I 14 1.63 8.56 -10.63
N PHE I 15 2.11 7.64 -11.45
CA PHE I 15 3.35 6.99 -11.20
C PHE I 15 3.57 6.02 -12.36
N LEU J 1 5.89 -17.73 -14.23
CA LEU J 1 4.87 -17.84 -13.24
C LEU J 1 4.76 -16.46 -12.50
N LEU J 2 4.11 -16.42 -11.35
CA LEU J 2 4.05 -15.17 -10.61
C LEU J 2 5.46 -14.88 -10.10
N THR J 3 5.60 -13.74 -9.43
CA THR J 3 6.89 -13.33 -8.90
C THR J 3 7.43 -14.37 -7.94
N PRO J 4 8.74 -14.32 -7.67
CA PRO J 4 9.25 -15.30 -6.72
C PRO J 4 8.81 -14.78 -5.35
N PRO J 5 9.14 -15.48 -4.27
CA PRO J 5 8.70 -14.94 -2.99
C PRO J 5 9.37 -13.60 -2.69
N PRO J 6 8.94 -12.93 -1.61
CA PRO J 6 9.57 -11.65 -1.30
C PRO J 6 11.04 -11.82 -0.98
N PRO J 7 11.79 -10.71 -0.87
CA PRO J 7 13.22 -10.82 -0.55
C PRO J 7 13.43 -11.54 0.76
N PRO J 8 14.62 -12.11 0.97
CA PRO J 8 14.87 -12.82 2.23
C PRO J 8 14.77 -11.84 3.37
N LEU J 9 14.25 -12.29 4.51
CA LEU J 9 14.09 -11.43 5.68
C LEU J 9 15.40 -10.85 6.18
N PHE J 10 15.42 -9.54 6.43
CA PHE J 10 16.61 -8.85 6.90
C PHE J 10 16.98 -9.26 8.33
N PRO J 11 18.29 -9.36 8.63
CA PRO J 11 18.80 -9.73 9.94
C PRO J 11 18.46 -8.66 10.99
N PRO J 12 18.08 -9.08 12.20
CA PRO J 12 17.75 -8.10 13.23
C PRO J 12 18.93 -7.17 13.50
N PRO J 13 18.68 -6.01 14.11
CA PRO J 13 19.75 -5.05 14.41
C PRO J 13 20.66 -5.51 15.53
N PHE J 14 21.95 -5.23 15.41
CA PHE J 14 22.91 -5.62 16.43
C PHE J 14 24.03 -4.60 16.55
N PHE J 15 23.96 -3.73 17.56
CA PHE J 15 24.98 -2.70 17.76
C PHE J 15 24.80 -1.92 19.06
#